data_5R5H
#
_entry.id   5R5H
#
_cell.length_a   49.490
_cell.length_b   52.220
_cell.length_c   101.480
_cell.angle_alpha   90.000
_cell.angle_beta   90.000
_cell.angle_gamma   90.000
#
_symmetry.space_group_name_H-M   'P 21 21 21'
#
loop_
_entity.id
_entity.type
_entity.pdbx_description
1 polymer 'Uridine diphosphate glucose pyrophosphatase NUDT22'
2 non-polymer 3-chloro-N-(1-hydroxy-2-methylpropan-2-yl)benzamide
3 non-polymer 'DIMETHYL SULFOXIDE'
4 water water
#
_entity_poly.entity_id   1
_entity_poly.type   'polypeptide(L)'
_entity_poly.pdbx_seq_one_letter_code
;SMDPEVTLLLQCPGGGLPQEQIQAELSPAHDRRPLPGGDEAITAIWETRLKAQPWLFDAPKFRLHSATLAPIGSRGPQLL
LRLGLTSYRDFLGTNWSSSAAWLRQQGATDWGDTQAYLADPLGVGAALATADDFLVFLRRSRQVAEAPGLVDVPGGHPEP
QALCPGGSPQHQDLAGQLVVHELFSSVLQEICDEVNLPLLTLSQPLLLGIARNETSAGRASAEFYVQCSLTSEQVRKHYL
SGGPEAHESTGIFFVETQNVRRLPETEMWAELCPSAKGAIILYNRVQGSPTGAALGSPALLPPL
;
_entity_poly.pdbx_strand_id   A
#
loop_
_chem_comp.id
_chem_comp.type
_chem_comp.name
_chem_comp.formula
DMS non-polymer 'DIMETHYL SULFOXIDE' 'C2 H6 O S'
JOV non-polymer 3-chloro-N-(1-hydroxy-2-methylpropan-2-yl)benzamide 'C11 H14 Cl N O2'
#
# COMPACT_ATOMS: atom_id res chain seq x y z
N ASP A 3 12.15 -1.57 -13.20
N ASP A 3 11.78 -2.29 -12.88
CA ASP A 3 11.68 -0.64 -12.15
CA ASP A 3 11.80 -0.93 -12.26
C ASP A 3 12.34 -0.98 -10.83
C ASP A 3 12.38 -1.03 -10.85
N PRO A 4 13.57 -0.47 -10.57
CA PRO A 4 14.27 -0.78 -9.32
C PRO A 4 13.58 -0.28 -8.06
N GLU A 5 12.65 0.68 -8.15
CA GLU A 5 12.12 1.28 -6.89
C GLU A 5 10.97 0.47 -6.32
N VAL A 6 10.52 -0.61 -6.97
CA VAL A 6 9.42 -1.45 -6.42
C VAL A 6 9.69 -2.94 -6.71
N THR A 7 9.57 -3.80 -5.69
CA THR A 7 9.70 -5.28 -5.81
C THR A 7 8.41 -5.92 -5.30
N LEU A 8 7.93 -6.98 -5.95
CA LEU A 8 6.67 -7.66 -5.54
C LEU A 8 7.04 -8.70 -4.47
N LEU A 9 6.48 -8.58 -3.29
CA LEU A 9 6.66 -9.62 -2.23
C LEU A 9 5.63 -10.74 -2.41
N LEU A 10 4.41 -10.43 -2.87
CA LEU A 10 3.28 -11.41 -2.97
C LEU A 10 2.41 -11.03 -4.16
N GLN A 11 2.03 -12.00 -4.98
CA GLN A 11 0.99 -11.89 -6.05
C GLN A 11 -0.13 -12.88 -5.67
N CYS A 12 -1.33 -12.41 -5.35
CA CYS A 12 -2.45 -13.28 -4.89
C CYS A 12 -3.02 -14.09 -6.04
N PRO A 13 -3.50 -15.32 -5.76
CA PRO A 13 -4.24 -16.10 -6.75
C PRO A 13 -5.72 -15.75 -6.89
N GLY A 14 -6.34 -16.39 -7.88
CA GLY A 14 -7.79 -16.40 -8.09
C GLY A 14 -8.33 -15.02 -8.37
N GLY A 15 -7.50 -14.10 -8.88
CA GLY A 15 -7.90 -12.72 -9.19
C GLY A 15 -7.96 -11.84 -7.95
N GLY A 16 -7.40 -12.31 -6.82
CA GLY A 16 -7.34 -11.55 -5.55
C GLY A 16 -8.08 -12.25 -4.44
N LEU A 17 -7.64 -12.06 -3.19
CA LEU A 17 -8.19 -12.78 -2.01
C LEU A 17 -9.20 -11.93 -1.25
N PRO A 18 -10.40 -12.45 -0.94
CA PRO A 18 -11.31 -11.77 -0.02
C PRO A 18 -10.87 -11.91 1.46
N GLN A 19 -11.45 -11.08 2.33
CA GLN A 19 -11.16 -11.01 3.78
C GLN A 19 -11.22 -12.41 4.42
N GLU A 20 -12.22 -13.21 4.04
CA GLU A 20 -12.54 -14.50 4.73
C GLU A 20 -11.46 -15.55 4.43
N GLN A 21 -10.57 -15.29 3.48
CA GLN A 21 -9.53 -16.27 3.09
C GLN A 21 -8.16 -15.89 3.64
N ILE A 22 -8.09 -14.91 4.54
CA ILE A 22 -6.79 -14.41 5.10
C ILE A 22 -6.76 -14.56 6.63
N GLN A 23 -5.64 -15.09 7.11
CA GLN A 23 -5.28 -15.24 8.55
C GLN A 23 -4.16 -14.26 8.86
N ALA A 24 -4.17 -13.68 10.05
CA ALA A 24 -3.05 -12.85 10.55
C ALA A 24 -2.56 -13.46 11.86
N GLU A 25 -1.25 -13.44 12.07
CA GLU A 25 -0.58 -13.76 13.36
C GLU A 25 0.10 -12.47 13.82
N LEU A 26 -0.45 -11.84 14.85
CA LEU A 26 0.10 -10.59 15.42
C LEU A 26 0.87 -10.97 16.68
N SER A 27 2.19 -10.81 16.66
CA SER A 27 3.10 -11.37 17.68
C SER A 27 4.31 -10.45 17.89
N PRO A 28 4.78 -10.28 19.14
CA PRO A 28 5.99 -9.50 19.43
C PRO A 28 7.25 -10.14 18.81
N ALA A 29 7.16 -11.40 18.38
CA ALA A 29 8.24 -12.09 17.61
C ALA A 29 8.41 -11.45 16.22
N HIS A 30 7.40 -10.69 15.75
CA HIS A 30 7.38 -10.02 14.42
C HIS A 30 7.78 -8.54 14.51
N ASP A 31 8.21 -8.08 15.70
CA ASP A 31 8.63 -6.67 15.92
C ASP A 31 10.01 -6.42 15.32
N ARG A 32 10.34 -5.14 15.11
CA ARG A 32 11.71 -4.66 14.84
C ARG A 32 12.63 -5.13 15.98
N ARG A 33 13.87 -5.51 15.68
CA ARG A 33 14.92 -5.79 16.71
C ARG A 33 15.48 -4.46 17.23
N PRO A 34 15.80 -4.34 18.54
CA PRO A 34 16.47 -3.13 19.03
C PRO A 34 17.76 -2.85 18.24
N LEU A 35 18.08 -1.57 18.02
CA LEU A 35 19.26 -1.17 17.18
C LEU A 35 20.54 -1.62 17.90
N PRO A 36 21.62 -1.95 17.16
CA PRO A 36 22.84 -2.47 17.80
C PRO A 36 23.42 -1.59 18.91
N GLY A 37 23.37 -0.26 18.73
CA GLY A 37 23.89 0.74 19.68
C GLY A 37 22.79 1.28 20.60
N GLY A 38 21.58 0.72 20.51
CA GLY A 38 20.44 1.07 21.37
C GLY A 38 19.47 1.95 20.61
N ASP A 39 18.19 1.94 20.99
CA ASP A 39 17.12 2.77 20.38
C ASP A 39 17.22 4.26 20.80
N GLU A 40 18.26 4.64 21.55
CA GLU A 40 18.57 6.06 21.88
C GLU A 40 18.70 6.91 20.61
N ALA A 41 19.26 6.36 19.52
CA ALA A 41 19.41 7.02 18.21
C ALA A 41 18.05 7.44 17.65
N ILE A 42 17.01 6.63 17.84
CA ILE A 42 15.62 6.90 17.37
C ILE A 42 15.03 8.05 18.19
N THR A 43 15.13 7.94 19.52
CA THR A 43 14.72 8.99 20.50
C THR A 43 15.39 10.33 20.15
N ALA A 44 16.69 10.35 19.86
CA ALA A 44 17.46 11.58 19.51
C ALA A 44 16.88 12.26 18.24
N ILE A 45 16.60 11.50 17.19
CA ILE A 45 16.02 12.05 15.92
C ILE A 45 14.61 12.61 16.22
N TRP A 46 13.84 11.93 17.05
CA TRP A 46 12.44 12.33 17.40
C TRP A 46 12.48 13.67 18.16
N GLU A 47 13.34 13.77 19.19
CA GLU A 47 13.53 15.01 19.98
C GLU A 47 13.87 16.17 19.05
N THR A 48 14.84 15.98 18.14
CA THR A 48 15.27 17.02 17.20
C THR A 48 14.07 17.50 16.39
N ARG A 49 13.24 16.55 15.92
CA ARG A 49 12.08 16.80 15.04
C ARG A 49 11.02 17.59 15.83
N LEU A 50 10.69 17.17 17.04
CA LEU A 50 9.64 17.83 17.88
C LEU A 50 10.11 19.23 18.27
N LYS A 51 11.41 19.45 18.47
CA LYS A 51 11.88 20.80 18.88
C LYS A 51 11.79 21.78 17.69
N ALA A 52 11.50 21.31 16.48
CA ALA A 52 11.25 22.16 15.29
C ALA A 52 9.77 22.19 14.94
N GLN A 53 9.08 21.06 15.11
CA GLN A 53 7.65 20.88 14.77
C GLN A 53 6.93 20.29 15.99
N PRO A 54 6.71 21.08 17.07
CA PRO A 54 6.19 20.53 18.34
C PRO A 54 4.73 20.07 18.26
N TRP A 55 4.02 20.33 17.15
CA TRP A 55 2.62 19.88 16.90
C TRP A 55 2.57 18.44 16.32
N LEU A 56 3.70 17.83 15.97
CA LEU A 56 3.73 16.41 15.52
C LEU A 56 3.34 15.47 16.66
N PHE A 57 2.74 14.34 16.34
CA PHE A 57 2.37 13.30 17.32
C PHE A 57 2.77 11.93 16.75
N ASP A 58 3.16 11.04 17.66
CA ASP A 58 3.42 9.62 17.37
C ASP A 58 2.07 8.93 17.14
N ALA A 59 2.08 7.79 16.45
CA ALA A 59 0.93 6.88 16.32
C ALA A 59 1.43 5.45 16.13
N PRO A 60 0.73 4.44 16.69
CA PRO A 60 1.07 3.04 16.45
C PRO A 60 0.75 2.67 14.99
N LYS A 61 1.47 1.68 14.48
CA LYS A 61 1.36 1.17 13.09
C LYS A 61 1.55 -0.35 13.11
N PHE A 62 1.01 -1.05 12.12
CA PHE A 62 1.32 -2.49 11.93
C PHE A 62 2.68 -2.59 11.23
N ARG A 63 3.48 -3.58 11.63
CA ARG A 63 4.74 -3.95 10.96
C ARG A 63 4.52 -5.25 10.19
N LEU A 64 4.90 -5.29 8.92
CA LEU A 64 4.94 -6.55 8.12
C LEU A 64 6.27 -7.25 8.38
N HIS A 65 6.22 -8.46 8.91
CA HIS A 65 7.37 -9.39 9.01
C HIS A 65 7.46 -10.22 7.72
N SER A 66 6.37 -10.86 7.31
CA SER A 66 6.34 -11.84 6.20
C SER A 66 4.90 -12.24 5.88
N ALA A 67 4.70 -12.86 4.71
CA ALA A 67 3.39 -13.29 4.19
C ALA A 67 3.57 -14.60 3.42
N THR A 68 2.92 -15.68 3.89
CA THR A 68 3.02 -17.04 3.31
C THR A 68 1.70 -17.43 2.64
N LEU A 69 1.78 -17.71 1.33
CA LEU A 69 0.64 -18.21 0.52
C LEU A 69 0.55 -19.74 0.59
N ALA A 70 -0.67 -20.25 0.74
CA ALA A 70 -0.97 -21.69 0.71
C ALA A 70 -0.65 -22.26 -0.68
N PRO A 71 -0.54 -23.60 -0.84
CA PRO A 71 -0.44 -24.23 -2.16
C PRO A 71 -1.65 -23.84 -3.01
N ILE A 72 -1.43 -23.42 -4.27
CA ILE A 72 -2.54 -22.91 -5.13
C ILE A 72 -3.56 -24.03 -5.34
N GLY A 73 -4.83 -23.65 -5.35
CA GLY A 73 -5.95 -24.57 -5.61
C GLY A 73 -6.46 -25.23 -4.34
N SER A 74 -5.85 -24.93 -3.19
CA SER A 74 -6.17 -25.57 -1.90
C SER A 74 -7.45 -24.98 -1.30
N ARG A 75 -8.08 -25.74 -0.41
CA ARG A 75 -9.26 -25.33 0.40
C ARG A 75 -8.74 -24.69 1.69
N GLY A 76 -9.59 -23.93 2.37
CA GLY A 76 -9.22 -23.30 3.65
C GLY A 76 -8.49 -21.99 3.43
N PRO A 77 -8.03 -21.35 4.52
CA PRO A 77 -7.27 -20.10 4.45
C PRO A 77 -6.11 -20.16 3.43
N GLN A 78 -5.98 -19.12 2.63
CA GLN A 78 -5.03 -19.09 1.48
C GLN A 78 -3.79 -18.25 1.80
N LEU A 79 -3.82 -17.37 2.82
CA LEU A 79 -2.67 -16.47 3.12
C LEU A 79 -2.53 -16.34 4.64
N LEU A 80 -1.30 -16.39 5.15
CA LEU A 80 -0.95 -16.02 6.54
C LEU A 80 -0.08 -14.75 6.53
N LEU A 81 -0.56 -13.68 7.16
CA LEU A 81 0.21 -12.42 7.36
C LEU A 81 0.84 -12.50 8.75
N ARG A 82 2.18 -12.44 8.81
CA ARG A 82 2.92 -12.29 10.10
C ARG A 82 3.18 -10.80 10.32
N LEU A 83 2.58 -10.26 11.39
CA LEU A 83 2.53 -8.82 11.69
C LEU A 83 3.07 -8.59 13.12
N GLY A 84 3.80 -7.50 13.31
CA GLY A 84 4.15 -6.98 14.63
C GLY A 84 3.61 -5.57 14.77
N LEU A 85 4.11 -4.82 15.73
CA LEU A 85 3.71 -3.41 16.00
C LEU A 85 4.95 -2.55 15.87
N THR A 86 4.77 -1.37 15.27
CA THR A 86 5.77 -0.28 15.16
C THR A 86 5.08 1.06 15.44
N SER A 87 5.65 2.15 14.95
CA SER A 87 5.14 3.51 15.21
C SER A 87 5.69 4.43 14.14
N TYR A 88 5.08 5.60 14.01
CA TYR A 88 5.58 6.71 13.14
C TYR A 88 6.99 7.13 13.63
N ARG A 89 7.17 7.24 14.95
CA ARG A 89 8.50 7.61 15.55
C ARG A 89 9.61 6.64 15.10
N ASP A 90 9.36 5.33 15.21
CA ASP A 90 10.34 4.28 14.80
C ASP A 90 10.62 4.40 13.30
N PHE A 91 9.61 4.66 12.47
CA PHE A 91 9.75 4.90 11.01
C PHE A 91 10.73 6.06 10.74
N LEU A 92 10.50 7.20 11.39
CA LEU A 92 11.35 8.41 11.15
C LEU A 92 12.81 8.11 11.52
N GLY A 93 13.04 7.31 12.54
CA GLY A 93 14.40 6.97 13.03
C GLY A 93 15.06 5.80 12.29
N THR A 94 14.37 5.08 11.40
CA THR A 94 14.96 3.90 10.70
C THR A 94 14.78 4.06 9.18
N ASN A 95 13.65 3.65 8.62
CA ASN A 95 13.38 3.68 7.16
C ASN A 95 13.68 5.07 6.54
N TRP A 96 13.28 6.15 7.21
CA TRP A 96 13.39 7.56 6.70
C TRP A 96 14.78 8.14 7.01
N SER A 97 15.54 7.51 7.92
CA SER A 97 16.91 7.97 8.31
C SER A 97 17.87 7.97 7.10
N SER A 98 18.85 8.88 7.12
CA SER A 98 19.91 8.95 6.07
C SER A 98 20.76 7.65 6.08
N SER A 99 20.84 7.00 7.24
N SER A 99 20.84 7.00 7.24
CA SER A 99 21.64 5.77 7.46
CA SER A 99 21.65 5.77 7.47
C SER A 99 20.82 4.49 7.26
C SER A 99 20.83 4.49 7.26
N ALA A 100 19.67 4.57 6.60
CA ALA A 100 18.76 3.40 6.43
C ALA A 100 19.52 2.25 5.72
N ALA A 101 20.38 2.56 4.75
CA ALA A 101 21.13 1.52 4.00
C ALA A 101 22.11 0.80 4.94
N TRP A 102 22.70 1.51 5.90
CA TRP A 102 23.65 0.92 6.88
C TRP A 102 22.90 -0.04 7.79
N LEU A 103 21.68 0.31 8.22
CA LEU A 103 20.83 -0.57 9.07
C LEU A 103 20.49 -1.87 8.31
N ARG A 104 20.23 -1.78 7.01
CA ARG A 104 19.93 -2.95 6.14
C ARG A 104 21.13 -3.91 6.12
N GLN A 105 22.34 -3.38 5.91
CA GLN A 105 23.59 -4.21 5.87
C GLN A 105 23.81 -4.87 7.25
N GLN A 106 23.66 -4.11 8.34
N GLN A 106 23.63 -4.14 8.34
CA GLN A 106 23.81 -4.62 9.73
CA GLN A 106 23.84 -4.64 9.73
C GLN A 106 22.80 -5.74 9.99
C GLN A 106 22.79 -5.71 10.05
N GLY A 107 21.56 -5.58 9.51
CA GLY A 107 20.52 -6.61 9.64
C GLY A 107 20.91 -7.90 8.92
N ALA A 108 21.44 -7.81 7.70
CA ALA A 108 21.97 -8.98 6.94
C ALA A 108 23.05 -9.70 7.77
N THR A 109 24.03 -8.94 8.26
CA THR A 109 25.16 -9.44 9.10
C THR A 109 24.66 -10.13 10.38
N ASP A 110 23.80 -9.46 11.15
CA ASP A 110 23.45 -9.88 12.53
C ASP A 110 22.35 -10.94 12.55
N TRP A 111 21.32 -10.83 11.69
CA TRP A 111 20.08 -11.64 11.74
C TRP A 111 19.82 -12.36 10.42
N GLY A 112 20.69 -12.23 9.39
CA GLY A 112 20.40 -12.70 8.02
C GLY A 112 19.07 -12.17 7.51
N ASP A 113 18.78 -10.88 7.78
CA ASP A 113 17.48 -10.24 7.43
C ASP A 113 17.71 -8.72 7.26
N THR A 114 17.69 -8.24 6.00
CA THR A 114 17.93 -6.81 5.66
C THR A 114 16.93 -5.93 6.41
N GLN A 115 15.76 -6.45 6.82
CA GLN A 115 14.70 -5.60 7.45
C GLN A 115 14.74 -5.66 8.99
N ALA A 116 15.66 -6.40 9.62
CA ALA A 116 15.57 -6.74 11.08
C ALA A 116 15.56 -5.46 11.94
N TYR A 117 16.28 -4.41 11.52
CA TYR A 117 16.43 -3.13 12.26
C TYR A 117 15.54 -2.02 11.69
N LEU A 118 14.55 -2.34 10.83
CA LEU A 118 13.69 -1.33 10.16
C LEU A 118 12.27 -1.41 10.73
N ALA A 119 11.66 -0.25 10.96
CA ALA A 119 10.25 -0.15 11.43
C ALA A 119 9.33 -0.90 10.44
N ASP A 120 9.45 -0.64 9.14
CA ASP A 120 8.67 -1.29 8.06
C ASP A 120 7.16 -1.22 8.38
N PRO A 121 6.58 -0.02 8.59
CA PRO A 121 5.12 0.09 8.76
C PRO A 121 4.37 -0.38 7.51
N LEU A 122 3.27 -1.13 7.70
CA LEU A 122 2.45 -1.65 6.58
C LEU A 122 1.52 -0.54 6.06
N GLY A 123 1.67 -0.20 4.76
CA GLY A 123 0.74 0.67 4.04
C GLY A 123 -0.40 -0.11 3.42
N VAL A 124 -1.50 0.57 3.04
CA VAL A 124 -2.57 0.03 2.15
C VAL A 124 -2.75 1.01 0.97
N GLY A 125 -3.03 0.47 -0.21
CA GLY A 125 -3.40 1.24 -1.41
C GLY A 125 -4.49 0.54 -2.18
N ALA A 126 -5.18 1.27 -3.05
CA ALA A 126 -6.27 0.70 -3.87
C ALA A 126 -6.07 1.05 -5.33
N ALA A 127 -6.24 0.06 -6.21
CA ALA A 127 -6.71 0.20 -7.60
C ALA A 127 -8.24 0.35 -7.49
N LEU A 128 -8.71 1.60 -7.59
CA LEU A 128 -10.15 1.97 -7.45
C LEU A 128 -10.74 2.17 -8.85
N ALA A 129 -11.67 1.30 -9.25
CA ALA A 129 -12.24 1.32 -10.63
C ALA A 129 -13.62 1.95 -10.57
N THR A 130 -13.97 2.74 -11.58
CA THR A 130 -15.29 3.39 -11.71
C THR A 130 -16.26 2.48 -12.48
N ALA A 131 -17.57 2.79 -12.47
CA ALA A 131 -18.61 2.01 -13.16
C ALA A 131 -18.36 2.05 -14.68
N ASP A 132 -17.77 3.13 -15.20
CA ASP A 132 -17.46 3.34 -16.65
C ASP A 132 -16.02 2.91 -17.03
N ASP A 133 -15.37 2.14 -16.15
N ASP A 133 -15.32 2.19 -16.14
CA ASP A 133 -14.10 1.36 -16.35
CA ASP A 133 -14.10 1.40 -16.48
C ASP A 133 -12.88 2.30 -16.50
C ASP A 133 -12.80 2.25 -16.45
N PHE A 134 -12.72 3.20 -15.49
CA PHE A 134 -11.50 4.02 -15.30
C PHE A 134 -10.86 3.62 -13.96
N LEU A 135 -9.55 3.73 -13.83
CA LEU A 135 -8.88 3.75 -12.49
C LEU A 135 -8.69 5.20 -12.03
N VAL A 136 -8.72 5.40 -10.70
CA VAL A 136 -8.63 6.73 -10.04
C VAL A 136 -7.19 7.03 -9.60
N PHE A 137 -6.68 8.20 -9.95
CA PHE A 137 -5.36 8.72 -9.52
C PHE A 137 -5.48 10.10 -8.86
N LEU A 138 -4.55 10.40 -7.96
CA LEU A 138 -4.51 11.66 -7.16
C LEU A 138 -3.13 12.30 -7.31
N ARG A 139 -3.05 13.63 -7.36
CA ARG A 139 -1.76 14.36 -7.47
C ARG A 139 -1.33 14.77 -6.07
N ARG A 140 -0.09 14.47 -5.68
CA ARG A 140 0.46 14.90 -4.35
C ARG A 140 0.90 16.37 -4.43
N SER A 141 0.67 17.13 -3.36
CA SER A 141 1.27 18.49 -3.12
C SER A 141 2.76 18.49 -3.41
N ARG A 142 3.29 19.61 -3.92
CA ARG A 142 4.75 19.79 -4.20
C ARG A 142 5.46 20.23 -2.91
N GLN A 143 4.74 20.38 -1.80
CA GLN A 143 5.26 20.95 -0.51
C GLN A 143 5.29 19.89 0.61
N VAL A 144 4.99 18.61 0.35
CA VAL A 144 5.13 17.54 1.40
C VAL A 144 6.53 16.95 1.29
N ALA A 145 6.96 16.21 2.30
CA ALA A 145 8.34 15.67 2.42
C ALA A 145 8.53 14.44 1.53
N GLU A 146 7.51 13.58 1.42
CA GLU A 146 7.61 12.30 0.69
C GLU A 146 6.99 12.44 -0.70
N ALA A 147 7.78 12.10 -1.72
CA ALA A 147 7.34 12.01 -3.13
C ALA A 147 6.55 13.27 -3.49
N PRO A 148 7.08 14.49 -3.25
CA PRO A 148 6.37 15.70 -3.61
C PRO A 148 6.06 15.81 -5.12
N GLY A 149 4.85 16.24 -5.44
CA GLY A 149 4.44 16.50 -6.83
C GLY A 149 4.19 15.24 -7.65
N LEU A 150 4.23 14.05 -7.03
CA LEU A 150 4.11 12.77 -7.78
C LEU A 150 2.64 12.32 -7.79
N VAL A 151 2.33 11.40 -8.70
CA VAL A 151 0.97 10.78 -8.76
C VAL A 151 0.87 9.63 -7.75
N ASP A 152 -0.26 9.54 -7.05
CA ASP A 152 -0.54 8.46 -6.07
C ASP A 152 -1.89 7.78 -6.38
N VAL A 153 -2.19 6.68 -5.67
CA VAL A 153 -3.56 6.08 -5.64
C VAL A 153 -4.09 6.30 -4.24
N PRO A 154 -5.40 6.11 -3.96
CA PRO A 154 -5.91 6.24 -2.59
C PRO A 154 -5.24 5.24 -1.63
N GLY A 155 -4.95 5.68 -0.41
CA GLY A 155 -4.51 4.76 0.66
C GLY A 155 -3.92 5.51 1.83
N GLY A 156 -3.22 4.78 2.70
CA GLY A 156 -2.57 5.36 3.89
C GLY A 156 -1.88 4.27 4.68
N HIS A 157 -1.58 4.56 5.96
CA HIS A 157 -0.92 3.61 6.91
C HIS A 157 -1.83 3.44 8.11
N PRO A 158 -2.61 2.34 8.19
CA PRO A 158 -3.57 2.16 9.28
C PRO A 158 -2.98 1.97 10.68
N GLU A 159 -3.79 2.33 11.68
CA GLU A 159 -3.43 2.40 13.10
C GLU A 159 -4.21 1.33 13.87
N PRO A 160 -3.50 0.41 14.54
CA PRO A 160 -4.10 -0.54 15.49
C PRO A 160 -5.16 0.04 16.44
N GLN A 161 -6.27 -0.70 16.63
CA GLN A 161 -7.52 -0.31 17.34
C GLN A 161 -7.73 1.19 17.25
N ASP A 173 -5.29 -16.15 15.05
CA ASP A 173 -6.52 -15.85 14.29
C ASP A 173 -7.63 -15.31 15.21
N LEU A 174 -7.44 -15.33 16.54
CA LEU A 174 -8.54 -14.96 17.49
C LEU A 174 -8.42 -13.50 17.93
N ALA A 175 -7.24 -12.88 17.84
CA ALA A 175 -7.11 -11.42 17.62
C ALA A 175 -6.80 -11.17 16.12
N GLY A 176 -6.22 -12.18 15.43
CA GLY A 176 -5.87 -12.17 13.99
C GLY A 176 -7.01 -11.72 13.08
N GLN A 177 -8.23 -12.23 13.31
CA GLN A 177 -9.38 -11.96 12.41
C GLN A 177 -9.81 -10.48 12.56
N LEU A 178 -9.64 -9.92 13.76
CA LEU A 178 -9.95 -8.49 13.99
C LEU A 178 -8.92 -7.63 13.25
N VAL A 179 -7.66 -8.07 13.21
CA VAL A 179 -6.57 -7.35 12.51
C VAL A 179 -6.86 -7.36 11.00
N VAL A 180 -7.20 -8.51 10.40
CA VAL A 180 -7.52 -8.58 8.95
C VAL A 180 -8.71 -7.65 8.67
N HIS A 181 -9.72 -7.64 9.54
CA HIS A 181 -10.91 -6.75 9.39
C HIS A 181 -10.50 -5.27 9.41
N GLU A 182 -9.63 -4.86 10.34
N GLU A 182 -9.59 -4.91 10.32
CA GLU A 182 -9.13 -3.46 10.41
CA GLU A 182 -9.06 -3.53 10.47
C GLU A 182 -8.36 -3.11 9.13
C GLU A 182 -8.32 -3.12 9.18
N LEU A 183 -7.57 -4.05 8.57
CA LEU A 183 -6.83 -3.77 7.29
C LEU A 183 -7.81 -3.53 6.11
N PHE A 184 -8.81 -4.39 5.87
CA PHE A 184 -9.80 -4.22 4.77
C PHE A 184 -10.67 -2.96 5.00
N SER A 185 -11.15 -2.76 6.24
N SER A 185 -11.12 -2.70 6.24
CA SER A 185 -11.91 -1.56 6.67
CA SER A 185 -11.97 -1.53 6.57
C SER A 185 -11.12 -0.29 6.33
C SER A 185 -11.16 -0.22 6.49
N SER A 186 -9.82 -0.25 6.67
CA SER A 186 -8.99 0.98 6.54
C SER A 186 -8.83 1.38 5.06
N VAL A 187 -8.79 0.46 4.11
CA VAL A 187 -8.66 0.87 2.67
C VAL A 187 -9.97 1.58 2.25
N LEU A 188 -11.14 1.09 2.69
CA LEU A 188 -12.44 1.77 2.42
C LEU A 188 -12.48 3.14 3.09
N GLN A 189 -12.06 3.20 4.35
CA GLN A 189 -12.06 4.46 5.13
C GLN A 189 -11.17 5.49 4.41
N GLU A 190 -9.99 5.09 3.90
CA GLU A 190 -9.03 6.01 3.23
C GLU A 190 -9.65 6.53 1.93
N ILE A 191 -10.41 5.68 1.21
CA ILE A 191 -11.15 6.11 -0.01
C ILE A 191 -12.25 7.13 0.39
N CYS A 192 -13.07 6.85 1.41
CA CYS A 192 -14.14 7.79 1.89
C CYS A 192 -13.52 9.12 2.36
N ASP A 193 -12.43 9.10 3.12
CA ASP A 193 -11.78 10.34 3.65
C ASP A 193 -11.18 11.19 2.52
N GLU A 194 -10.47 10.60 1.55
CA GLU A 194 -9.69 11.37 0.56
C GLU A 194 -10.54 11.64 -0.68
N VAL A 195 -11.34 10.69 -1.19
CA VAL A 195 -12.08 10.85 -2.47
C VAL A 195 -13.48 11.40 -2.17
N ASN A 196 -13.92 11.28 -0.92
CA ASN A 196 -15.22 11.87 -0.47
C ASN A 196 -16.37 11.05 -1.06
N LEU A 197 -16.18 9.74 -1.26
CA LEU A 197 -17.21 8.80 -1.76
C LEU A 197 -18.03 8.24 -0.60
N PRO A 198 -19.35 7.98 -0.82
CA PRO A 198 -20.16 7.32 0.19
C PRO A 198 -19.68 5.85 0.28
N LEU A 199 -19.59 5.32 1.50
CA LEU A 199 -19.15 3.92 1.76
C LEU A 199 -20.01 2.94 0.96
N LEU A 200 -21.30 3.26 0.77
CA LEU A 200 -22.25 2.35 0.08
C LEU A 200 -22.03 2.30 -1.43
N THR A 201 -21.15 3.11 -2.03
CA THR A 201 -20.84 2.99 -3.49
C THR A 201 -19.67 2.04 -3.71
N LEU A 202 -19.08 1.48 -2.63
CA LEU A 202 -17.81 0.68 -2.71
C LEU A 202 -18.06 -0.82 -2.50
N SER A 203 -17.37 -1.65 -3.28
CA SER A 203 -17.34 -3.13 -3.12
C SER A 203 -16.51 -3.50 -1.89
N GLN A 204 -16.69 -4.71 -1.37
CA GLN A 204 -15.70 -5.29 -0.42
C GLN A 204 -14.38 -5.44 -1.19
N PRO A 205 -13.24 -5.02 -0.61
CA PRO A 205 -11.95 -5.10 -1.28
C PRO A 205 -11.47 -6.54 -1.52
N LEU A 206 -10.70 -6.72 -2.58
CA LEU A 206 -9.90 -7.95 -2.79
C LEU A 206 -8.42 -7.59 -2.67
N LEU A 207 -7.66 -8.38 -1.93
CA LEU A 207 -6.17 -8.21 -1.82
C LEU A 207 -5.54 -8.72 -3.11
N LEU A 208 -4.84 -7.85 -3.83
CA LEU A 208 -4.11 -8.23 -5.07
C LEU A 208 -2.71 -8.75 -4.75
N GLY A 209 -2.02 -8.15 -3.78
CA GLY A 209 -0.68 -8.60 -3.41
C GLY A 209 -0.03 -7.61 -2.48
N ILE A 210 1.28 -7.73 -2.34
CA ILE A 210 2.09 -6.83 -1.46
C ILE A 210 3.30 -6.39 -2.27
N ALA A 211 3.57 -5.08 -2.22
CA ALA A 211 4.66 -4.40 -2.96
C ALA A 211 5.58 -3.70 -1.96
N ARG A 212 6.90 -3.76 -2.22
CA ARG A 212 7.97 -3.12 -1.42
C ARG A 212 8.46 -1.84 -2.14
N ASN A 213 8.60 -0.74 -1.39
CA ASN A 213 9.17 0.56 -1.83
C ASN A 213 10.68 0.54 -1.54
N GLU A 214 11.54 0.28 -2.52
CA GLU A 214 13.02 0.24 -2.32
C GLU A 214 13.60 1.65 -2.10
N THR A 215 12.86 2.72 -2.44
CA THR A 215 13.32 4.11 -2.16
C THR A 215 13.11 4.42 -0.67
N SER A 216 12.29 3.64 0.03
CA SER A 216 12.03 3.86 1.47
C SER A 216 12.51 2.65 2.27
N ALA A 217 13.69 2.12 1.91
CA ALA A 217 14.41 1.04 2.63
C ALA A 217 13.56 -0.25 2.70
N GLY A 218 12.64 -0.46 1.75
CA GLY A 218 11.95 -1.74 1.60
C GLY A 218 10.64 -1.84 2.36
N ARG A 219 10.05 -0.73 2.84
CA ARG A 219 8.74 -0.84 3.53
C ARG A 219 7.64 -1.22 2.52
N ALA A 220 6.65 -1.97 3.02
CA ALA A 220 5.69 -2.75 2.20
C ALA A 220 4.30 -2.11 2.28
N SER A 221 3.54 -2.24 1.21
CA SER A 221 2.13 -1.81 1.10
C SER A 221 1.31 -2.98 0.55
N ALA A 222 0.21 -3.30 1.22
CA ALA A 222 -0.85 -4.20 0.73
C ALA A 222 -1.69 -3.45 -0.30
N GLU A 223 -1.84 -4.00 -1.51
CA GLU A 223 -2.51 -3.35 -2.66
C GLU A 223 -3.82 -4.09 -2.92
N PHE A 224 -4.95 -3.37 -2.92
CA PHE A 224 -6.33 -3.92 -3.01
C PHE A 224 -7.03 -3.43 -4.29
N TYR A 225 -7.97 -4.22 -4.77
CA TYR A 225 -8.92 -3.86 -5.86
C TYR A 225 -10.26 -3.51 -5.21
N VAL A 226 -10.75 -2.33 -5.53
CA VAL A 226 -12.09 -1.86 -5.08
C VAL A 226 -12.84 -1.31 -6.28
N GLN A 227 -14.10 -1.74 -6.44
N GLN A 227 -14.08 -1.78 -6.46
CA GLN A 227 -15.01 -1.30 -7.52
CA GLN A 227 -15.02 -1.30 -7.51
C GLN A 227 -16.02 -0.30 -6.93
C GLN A 227 -15.95 -0.25 -6.89
N CYS A 228 -16.24 0.81 -7.63
CA CYS A 228 -17.20 1.85 -7.25
C CYS A 228 -18.40 1.79 -8.22
N SER A 229 -19.62 2.02 -7.73
CA SER A 229 -20.86 1.98 -8.56
C SER A 229 -21.08 3.32 -9.26
N LEU A 230 -20.25 4.33 -8.97
CA LEU A 230 -20.33 5.66 -9.64
C LEU A 230 -19.41 5.68 -10.86
N THR A 231 -19.81 6.48 -11.84
CA THR A 231 -19.01 6.82 -13.04
C THR A 231 -17.85 7.77 -12.65
N SER A 232 -16.87 7.92 -13.51
CA SER A 232 -15.72 8.85 -13.32
C SER A 232 -16.24 10.28 -13.11
N GLU A 233 -17.27 10.69 -13.85
CA GLU A 233 -17.76 12.09 -13.72
C GLU A 233 -18.39 12.28 -12.34
N GLN A 234 -19.12 11.28 -11.81
CA GLN A 234 -19.74 11.37 -10.46
C GLN A 234 -18.65 11.34 -9.37
N VAL A 235 -17.58 10.54 -9.54
CA VAL A 235 -16.47 10.44 -8.54
C VAL A 235 -15.80 11.82 -8.45
N ARG A 236 -15.51 12.42 -9.59
CA ARG A 236 -14.91 13.78 -9.69
C ARG A 236 -15.78 14.78 -8.92
N LYS A 237 -17.10 14.77 -9.17
CA LYS A 237 -18.02 15.70 -8.47
C LYS A 237 -17.84 15.54 -6.95
N HIS A 238 -17.87 14.30 -6.45
CA HIS A 238 -17.80 14.01 -4.99
C HIS A 238 -16.47 14.53 -4.44
N TYR A 239 -15.34 14.20 -5.08
CA TYR A 239 -13.98 14.69 -4.73
C TYR A 239 -14.00 16.23 -4.61
N LEU A 240 -14.47 16.95 -5.64
CA LEU A 240 -14.33 18.43 -5.73
C LEU A 240 -15.24 19.12 -4.71
N SER A 241 -16.40 18.53 -4.44
CA SER A 241 -17.50 19.13 -3.64
C SER A 241 -17.12 19.15 -2.16
N GLY A 242 -16.02 18.50 -1.78
CA GLY A 242 -15.43 18.63 -0.43
C GLY A 242 -14.70 19.95 -0.26
N GLY A 243 -14.11 20.48 -1.34
CA GLY A 243 -13.35 21.73 -1.32
C GLY A 243 -11.89 21.46 -0.97
N PRO A 244 -10.99 22.46 -1.06
CA PRO A 244 -9.56 22.23 -0.82
C PRO A 244 -9.18 21.60 0.53
N GLU A 245 -9.97 21.83 1.59
CA GLU A 245 -9.70 21.33 2.96
C GLU A 245 -10.20 19.89 3.15
N ALA A 246 -10.99 19.34 2.24
CA ALA A 246 -11.55 17.97 2.37
C ALA A 246 -10.53 16.92 1.90
N HIS A 247 -9.39 17.31 1.30
CA HIS A 247 -8.39 16.32 0.83
C HIS A 247 -6.95 16.83 0.96
N GLU A 248 -6.01 15.89 1.05
CA GLU A 248 -4.54 16.11 1.14
C GLU A 248 -3.97 16.33 -0.27
N SER A 249 -4.55 15.65 -1.27
CA SER A 249 -4.13 15.76 -2.69
C SER A 249 -4.56 17.12 -3.26
N THR A 250 -4.00 17.51 -4.41
CA THR A 250 -4.25 18.80 -5.12
C THR A 250 -5.03 18.59 -6.42
N GLY A 251 -5.31 17.35 -6.82
CA GLY A 251 -6.21 17.05 -7.95
C GLY A 251 -6.49 15.56 -8.09
N ILE A 252 -7.50 15.22 -8.87
CA ILE A 252 -7.92 13.83 -9.23
C ILE A 252 -7.92 13.71 -10.76
N PHE A 253 -7.63 12.51 -11.28
CA PHE A 253 -7.76 12.24 -12.73
C PHE A 253 -7.98 10.73 -12.93
N PHE A 254 -8.32 10.35 -14.15
CA PHE A 254 -8.83 9.00 -14.50
C PHE A 254 -8.14 8.50 -15.76
N VAL A 255 -7.74 7.21 -15.76
CA VAL A 255 -7.17 6.52 -16.95
C VAL A 255 -8.06 5.31 -17.25
N GLU A 256 -8.47 5.14 -18.50
CA GLU A 256 -9.27 3.95 -18.90
C GLU A 256 -8.49 2.68 -18.52
N THR A 257 -9.17 1.65 -17.98
CA THR A 257 -8.52 0.34 -17.70
C THR A 257 -7.87 -0.21 -18.98
N GLN A 258 -8.45 0.04 -20.16
CA GLN A 258 -7.82 -0.33 -21.44
C GLN A 258 -6.37 0.17 -21.51
N ASN A 259 -6.14 1.41 -21.10
CA ASN A 259 -4.82 2.12 -21.21
C ASN A 259 -3.88 1.81 -20.01
N VAL A 260 -4.36 1.22 -18.91
CA VAL A 260 -3.52 0.92 -17.71
C VAL A 260 -2.53 -0.21 -18.06
N ARG A 261 -2.98 -1.15 -18.90
CA ARG A 261 -2.16 -2.23 -19.48
C ARG A 261 -0.77 -1.73 -19.92
N ARG A 262 -0.66 -0.60 -20.63
CA ARG A 262 0.65 -0.10 -21.17
C ARG A 262 1.15 1.12 -20.37
N LEU A 263 0.63 1.37 -19.17
CA LEU A 263 1.04 2.58 -18.41
C LEU A 263 2.56 2.64 -18.19
N PRO A 264 3.28 1.53 -17.96
CA PRO A 264 4.73 1.59 -17.74
C PRO A 264 5.52 2.04 -18.98
N GLU A 265 4.87 2.14 -20.14
CA GLU A 265 5.51 2.61 -21.38
C GLU A 265 5.19 4.09 -21.62
N THR A 266 4.45 4.75 -20.72
CA THR A 266 4.00 6.16 -20.87
C THR A 266 4.92 7.12 -20.09
N GLU A 267 4.83 8.42 -20.38
CA GLU A 267 5.52 9.49 -19.60
C GLU A 267 4.90 9.61 -18.19
N MET A 268 3.68 9.11 -17.97
CA MET A 268 3.05 9.12 -16.62
C MET A 268 3.89 8.27 -15.65
N TRP A 269 4.52 7.20 -16.14
CA TRP A 269 5.18 6.20 -15.26
C TRP A 269 6.25 6.89 -14.39
N ALA A 270 7.03 7.83 -14.97
CA ALA A 270 8.08 8.58 -14.24
C ALA A 270 7.50 9.47 -13.13
N GLU A 271 6.21 9.76 -13.15
CA GLU A 271 5.55 10.67 -12.18
C GLU A 271 4.84 9.88 -11.06
N LEU A 272 4.77 8.56 -11.16
CA LEU A 272 4.09 7.70 -10.15
C LEU A 272 5.04 7.42 -8.98
N CYS A 273 4.59 7.62 -7.74
CA CYS A 273 5.33 7.18 -6.54
C CYS A 273 5.37 5.64 -6.52
N PRO A 274 6.42 5.07 -5.90
CA PRO A 274 6.62 3.61 -5.88
C PRO A 274 5.41 2.75 -5.46
N SER A 275 4.68 3.15 -4.42
CA SER A 275 3.51 2.40 -3.93
C SER A 275 2.39 2.39 -4.96
N ALA A 276 2.15 3.51 -5.67
CA ALA A 276 1.17 3.54 -6.78
C ALA A 276 1.66 2.68 -7.95
N LYS A 277 2.96 2.65 -8.24
CA LYS A 277 3.48 1.69 -9.26
C LYS A 277 3.15 0.23 -8.86
N GLY A 278 3.32 -0.10 -7.58
CA GLY A 278 2.98 -1.41 -7.01
C GLY A 278 1.54 -1.80 -7.32
N ALA A 279 0.60 -0.90 -7.01
CA ALA A 279 -0.84 -1.10 -7.20
C ALA A 279 -1.14 -1.36 -8.68
N ILE A 280 -0.54 -0.61 -9.58
CA ILE A 280 -0.81 -0.75 -11.04
C ILE A 280 -0.20 -2.07 -11.56
N ILE A 281 1.05 -2.41 -11.21
CA ILE A 281 1.68 -3.70 -11.61
C ILE A 281 0.79 -4.86 -11.12
N LEU A 282 0.31 -4.82 -9.87
CA LEU A 282 -0.50 -5.95 -9.33
C LEU A 282 -1.89 -5.98 -10.00
N TYR A 283 -2.52 -4.83 -10.28
CA TYR A 283 -3.80 -4.78 -11.01
C TYR A 283 -3.60 -5.44 -12.38
N ASN A 284 -2.53 -5.10 -13.09
CA ASN A 284 -2.25 -5.65 -14.45
C ASN A 284 -2.04 -7.18 -14.39
N ARG A 285 -1.34 -7.69 -13.39
CA ARG A 285 -1.03 -9.14 -13.27
C ARG A 285 -2.21 -9.96 -12.75
N VAL A 286 -3.00 -9.40 -11.82
CA VAL A 286 -4.00 -10.19 -11.05
C VAL A 286 -5.43 -9.95 -11.56
N GLN A 287 -5.82 -8.72 -11.86
CA GLN A 287 -7.16 -8.43 -12.43
C GLN A 287 -7.07 -8.41 -13.97
N GLY A 288 -6.02 -7.86 -14.57
CA GLY A 288 -5.79 -7.97 -16.02
C GLY A 288 -5.34 -9.38 -16.39
N SER A 289 -4.54 -9.50 -17.48
CA SER A 289 -3.88 -10.76 -17.93
C SER A 289 -4.85 -11.94 -17.88
N PRO A 290 -5.85 -11.99 -18.79
CA PRO A 290 -6.81 -13.10 -18.83
C PRO A 290 -6.15 -14.45 -19.16
N THR A 291 -6.74 -15.54 -18.68
CA THR A 291 -6.21 -16.93 -18.77
C THR A 291 -7.10 -17.78 -19.70
N GLY A 292 -8.33 -17.35 -20.02
CA GLY A 292 -9.31 -18.17 -20.74
C GLY A 292 -9.36 -17.84 -22.23
N ALA A 293 -9.97 -18.71 -23.03
CA ALA A 293 -10.05 -18.61 -24.52
C ALA A 293 -10.77 -17.32 -24.92
N ALA A 294 -11.90 -17.01 -24.28
CA ALA A 294 -12.77 -15.85 -24.58
C ALA A 294 -12.02 -14.51 -24.41
N LEU A 295 -11.59 -14.16 -23.18
CA LEU A 295 -10.95 -12.84 -22.89
C LEU A 295 -9.54 -12.79 -23.50
N GLY A 296 -8.92 -13.96 -23.78
CA GLY A 296 -7.59 -14.11 -24.38
C GLY A 296 -7.59 -14.08 -25.91
N SER A 297 -8.76 -14.09 -26.55
CA SER A 297 -8.91 -13.97 -28.03
C SER A 297 -8.27 -12.67 -28.54
N PRO A 298 -7.55 -12.66 -29.70
CA PRO A 298 -6.86 -11.45 -30.22
C PRO A 298 -7.65 -10.12 -30.29
N ALA A 299 -8.94 -10.15 -30.66
CA ALA A 299 -9.81 -8.94 -30.75
C ALA A 299 -10.01 -8.31 -29.36
N LEU A 300 -10.08 -9.13 -28.28
CA LEU A 300 -10.28 -8.64 -26.88
C LEU A 300 -8.93 -8.43 -26.15
N LEU A 301 -7.86 -9.12 -26.55
CA LEU A 301 -6.49 -8.94 -25.99
C LEU A 301 -5.53 -8.64 -27.12
N PRO A 302 -5.47 -7.37 -27.59
CA PRO A 302 -4.63 -7.01 -28.73
C PRO A 302 -3.15 -7.32 -28.49
N PRO A 303 -2.44 -7.98 -29.44
CA PRO A 303 -1.00 -8.23 -29.31
C PRO A 303 -0.15 -6.94 -29.30
N LEU A 304 0.85 -6.88 -28.40
CA LEU A 304 1.88 -5.81 -28.25
C LEU A 304 1.32 -4.68 -27.39
C10 JOV B . 4.32 8.50 5.99
C13 JOV B . 4.23 6.48 7.85
C01 JOV B . 2.03 12.63 8.50
C02 JOV B . 2.62 12.39 7.12
C03 JOV B . 3.65 13.47 6.77
C04 JOV B . 1.51 12.40 6.06
O05 JOV B . 0.46 11.45 6.28
N06 JOV B . 3.28 11.05 7.06
C07 JOV B . 2.73 9.87 7.39
O08 JOV B . 1.60 9.79 7.88
C09 JOV B . 3.54 8.64 7.12
C11 JOV B . 5.04 7.33 5.79
C12 JOV B . 5.00 6.32 6.72
C14 JOV B . 3.49 7.62 8.06
CL15 JOV B . 4.17 5.22 9.04
S DMS C . 0.81 22.71 -4.40
O DMS C . -0.56 23.01 -4.97
C1 DMS C . 1.54 21.62 -5.57
C2 DMS C . 1.81 24.14 -4.73
S DMS D . -19.08 -1.85 1.94
O DMS D . -20.46 -1.43 1.48
C1 DMS D . -18.01 -0.56 1.41
C2 DMS D . -19.02 -1.54 3.69
S DMS E . 25.92 -13.57 12.86
O DMS E . 25.67 -14.92 12.19
C1 DMS E . 24.88 -13.53 14.27
C2 DMS E . 27.46 -13.70 13.72
S DMS F . -0.21 4.70 -1.84
O DMS F . 0.97 4.86 -0.91
C1 DMS F . -0.39 2.95 -2.16
C2 DMS F . -1.64 4.93 -0.83
#